data_2N2S
#
_entry.id   2N2S
#
_entity_poly.entity_id   1
_entity_poly.type   'polypeptide(L)'
_entity_poly.pdbx_seq_one_letter_code
;SCGSECAPEPDCWGCCLVQCAPSICAGWCGGS
;
_entity_poly.pdbx_strand_id   A
#
# COMPACT_ATOMS: atom_id res chain seq x y z
N SER A 1 -7.95 -4.49 0.10
CA SER A 1 -7.75 -5.91 0.43
C SER A 1 -6.35 -6.33 -0.02
N CYS A 2 -5.37 -6.20 0.89
CA CYS A 2 -3.97 -6.55 0.63
C CYS A 2 -3.31 -7.05 1.93
N GLY A 3 -2.09 -7.59 1.78
CA GLY A 3 -1.40 -8.30 2.84
C GLY A 3 -0.77 -7.42 3.90
N SER A 4 -0.79 -6.07 3.68
CA SER A 4 -0.18 -5.07 4.59
C SER A 4 1.36 -5.21 4.60
N GLU A 5 1.88 -5.97 3.62
CA GLU A 5 3.29 -6.37 3.54
C GLU A 5 4.07 -5.38 2.66
N CYS A 6 3.36 -4.69 1.74
CA CYS A 6 3.89 -3.58 0.96
C CYS A 6 3.50 -2.23 1.58
N ALA A 7 3.54 -2.21 2.92
CA ALA A 7 3.45 -0.99 3.74
C ALA A 7 4.82 -0.40 4.26
N PRO A 8 6.01 -1.13 4.25
CA PRO A 8 7.23 -0.70 5.01
C PRO A 8 7.88 0.55 4.41
N GLU A 9 7.88 0.59 3.08
CA GLU A 9 8.69 1.51 2.30
C GLU A 9 8.22 2.96 2.46
N PRO A 10 9.17 3.96 2.33
CA PRO A 10 8.80 5.39 2.22
C PRO A 10 7.93 5.63 0.97
N ASP A 11 8.15 4.80 -0.06
CA ASP A 11 7.31 4.71 -1.25
C ASP A 11 6.75 3.28 -1.34
N CYS A 12 5.72 3.02 -0.51
CA CYS A 12 4.96 1.75 -0.49
C CYS A 12 4.32 1.47 -1.86
N TRP A 13 4.01 2.57 -2.60
CA TRP A 13 3.50 2.57 -3.98
C TRP A 13 4.31 1.59 -4.87
N GLY A 14 5.62 1.56 -4.63
CA GLY A 14 6.58 0.76 -5.40
C GLY A 14 6.72 -0.68 -4.89
N CYS A 15 5.56 -1.26 -4.58
CA CYS A 15 5.44 -2.60 -4.00
C CYS A 15 3.97 -3.02 -4.09
N CYS A 16 3.12 -2.08 -3.70
CA CYS A 16 1.67 -2.26 -3.56
C CYS A 16 0.94 -2.20 -4.90
N LEU A 17 1.34 -1.24 -5.76
CA LEU A 17 0.66 -1.00 -7.07
C LEU A 17 0.73 -2.18 -8.08
N VAL A 18 1.55 -3.21 -7.80
CA VAL A 18 1.66 -4.40 -8.71
C VAL A 18 0.50 -5.40 -8.43
N GLN A 19 -0.10 -5.29 -7.24
CA GLN A 19 -1.05 -6.28 -6.69
C GLN A 19 -2.25 -5.60 -6.00
N CYS A 20 -2.24 -4.25 -5.96
CA CYS A 20 -3.27 -3.44 -5.27
C CYS A 20 -3.51 -2.14 -6.03
N ALA A 21 -4.60 -1.45 -5.66
CA ALA A 21 -5.01 -0.17 -6.25
C ALA A 21 -4.34 1.02 -5.49
N PRO A 22 -4.17 2.21 -6.15
CA PRO A 22 -3.77 3.48 -5.47
C PRO A 22 -4.54 3.77 -4.16
N SER A 23 -5.82 3.34 -4.07
CA SER A 23 -6.63 3.46 -2.83
C SER A 23 -5.96 2.75 -1.64
N ILE A 24 -5.40 1.55 -1.91
CA ILE A 24 -4.75 0.71 -0.89
C ILE A 24 -3.39 1.32 -0.50
N CYS A 25 -2.58 1.62 -1.53
CA CYS A 25 -1.20 2.11 -1.38
C CYS A 25 -1.17 3.50 -0.71
N ALA A 26 -2.22 4.31 -0.98
CA ALA A 26 -2.44 5.61 -0.33
C ALA A 26 -2.59 5.46 1.19
N GLY A 27 -3.08 4.29 1.63
CA GLY A 27 -3.35 4.02 3.04
C GLY A 27 -2.12 3.49 3.77
N TRP A 28 -1.17 2.92 3.00
CA TRP A 28 0.05 2.32 3.56
C TRP A 28 1.23 3.30 3.59
N CYS A 29 1.32 4.16 2.57
CA CYS A 29 2.35 5.21 2.52
C CYS A 29 2.06 6.32 3.55
N GLY A 30 1.04 7.16 3.27
CA GLY A 30 0.69 8.28 4.16
C GLY A 30 -0.44 7.93 5.11
N GLY A 31 -1.55 7.43 4.53
CA GLY A 31 -2.77 7.11 5.27
C GLY A 31 -3.91 8.00 4.83
N SER A 32 -4.43 7.72 3.60
CA SER A 32 -5.49 8.52 2.95
C SER A 32 -4.96 9.94 2.63
N SER A 1 -8.54 -7.89 -0.43
CA SER A 1 -7.71 -6.77 0.03
C SER A 1 -6.28 -6.88 -0.56
N CYS A 2 -5.39 -5.97 -0.14
CA CYS A 2 -3.95 -6.07 -0.48
C CYS A 2 -3.27 -7.07 0.46
N GLY A 3 -1.97 -7.31 0.25
CA GLY A 3 -1.19 -8.17 1.12
C GLY A 3 -0.93 -7.53 2.46
N SER A 4 -0.97 -6.15 2.46
CA SER A 4 -0.77 -5.31 3.67
C SER A 4 0.67 -5.43 4.23
N GLU A 5 1.53 -6.16 3.50
CA GLU A 5 2.94 -6.38 3.88
C GLU A 5 3.83 -5.47 3.02
N CYS A 6 3.23 -4.93 1.93
CA CYS A 6 3.82 -3.89 1.10
C CYS A 6 3.35 -2.49 1.57
N ALA A 7 3.39 -2.31 2.89
CA ALA A 7 3.13 -1.03 3.56
C ALA A 7 4.32 -0.41 4.38
N PRO A 8 5.61 -0.97 4.41
CA PRO A 8 6.68 -0.44 5.31
C PRO A 8 7.01 1.03 5.05
N GLU A 9 7.31 1.31 3.79
CA GLU A 9 7.82 2.59 3.35
C GLU A 9 6.68 3.58 3.07
N PRO A 10 6.96 4.92 3.15
CA PRO A 10 6.06 5.97 2.59
C PRO A 10 5.98 5.90 1.05
N ASP A 11 6.95 5.17 0.46
CA ASP A 11 6.99 4.80 -0.97
C ASP A 11 6.67 3.29 -1.09
N CYS A 12 5.51 2.91 -0.53
CA CYS A 12 4.94 1.55 -0.60
C CYS A 12 4.51 1.18 -2.03
N TRP A 13 4.39 2.22 -2.90
CA TRP A 13 4.02 2.12 -4.31
C TRP A 13 4.81 1.03 -5.05
N GLY A 14 6.09 0.89 -4.67
CA GLY A 14 7.02 -0.04 -5.33
C GLY A 14 7.02 -1.42 -4.70
N CYS A 15 5.83 -1.86 -4.25
CA CYS A 15 5.62 -3.17 -3.62
C CYS A 15 4.15 -3.57 -3.81
N CYS A 16 3.29 -2.60 -3.51
CA CYS A 16 1.84 -2.74 -3.42
C CYS A 16 1.18 -2.71 -4.80
N LEU A 17 1.61 -1.77 -5.67
CA LEU A 17 0.93 -1.51 -6.98
C LEU A 17 0.96 -2.70 -7.96
N VAL A 18 1.85 -3.68 -7.75
CA VAL A 18 2.03 -4.83 -8.67
C VAL A 18 0.79 -5.77 -8.66
N GLN A 19 -0.01 -5.66 -7.59
CA GLN A 19 -1.09 -6.61 -7.28
C GLN A 19 -2.32 -5.87 -6.72
N CYS A 20 -2.06 -4.78 -5.98
CA CYS A 20 -3.08 -3.92 -5.36
C CYS A 20 -3.19 -2.61 -6.17
N ALA A 21 -4.33 -1.93 -6.05
CA ALA A 21 -4.62 -0.68 -6.80
C ALA A 21 -4.01 0.55 -6.09
N PRO A 22 -3.78 1.70 -6.81
CA PRO A 22 -3.53 3.03 -6.17
C PRO A 22 -4.57 3.38 -5.08
N SER A 23 -5.82 2.93 -5.30
CA SER A 23 -6.94 3.05 -4.35
C SER A 23 -6.62 2.40 -2.97
N ILE A 24 -5.66 1.44 -2.96
CA ILE A 24 -5.22 0.74 -1.74
C ILE A 24 -3.90 1.32 -1.24
N CYS A 25 -2.91 1.41 -2.15
CA CYS A 25 -1.52 1.79 -1.83
C CYS A 25 -1.40 3.24 -1.32
N ALA A 26 -2.40 4.07 -1.65
CA ALA A 26 -2.54 5.44 -1.13
C ALA A 26 -2.67 5.44 0.42
N GLY A 27 -3.37 4.41 0.93
CA GLY A 27 -3.63 4.29 2.37
C GLY A 27 -2.48 3.66 3.14
N TRP A 28 -1.58 2.97 2.41
CA TRP A 28 -0.37 2.33 3.00
C TRP A 28 0.81 3.31 3.01
N CYS A 29 0.93 4.06 1.90
CA CYS A 29 2.00 5.05 1.70
C CYS A 29 1.77 6.31 2.54
N GLY A 30 0.64 6.99 2.28
CA GLY A 30 0.34 8.29 2.90
C GLY A 30 -0.98 8.28 3.65
N GLY A 31 -1.22 7.21 4.42
CA GLY A 31 -2.46 7.05 5.20
C GLY A 31 -2.23 6.33 6.51
N SER A 32 -3.14 6.55 7.47
CA SER A 32 -3.10 5.92 8.78
C SER A 32 -3.84 4.56 8.74
N SER A 1 -9.00 -6.88 -1.28
CA SER A 1 -8.37 -6.06 -0.22
C SER A 1 -7.10 -6.74 0.32
N CYS A 2 -6.12 -5.93 0.72
CA CYS A 2 -4.89 -6.41 1.38
C CYS A 2 -5.19 -6.72 2.87
N GLY A 3 -4.14 -7.12 3.60
CA GLY A 3 -4.23 -7.40 5.03
C GLY A 3 -3.78 -6.22 5.88
N SER A 4 -2.51 -5.81 5.61
CA SER A 4 -1.64 -5.01 6.53
C SER A 4 -0.18 -5.38 6.25
N GLU A 5 0.01 -6.41 5.39
CA GLU A 5 1.33 -6.95 5.05
C GLU A 5 2.09 -5.99 4.12
N CYS A 6 1.31 -5.17 3.37
CA CYS A 6 1.82 -4.09 2.54
C CYS A 6 1.63 -2.75 3.26
N ALA A 7 2.16 -2.73 4.48
CA ALA A 7 2.33 -1.52 5.29
C ALA A 7 3.75 -1.37 5.97
N PRO A 8 4.86 -2.13 5.59
CA PRO A 8 6.20 -1.93 6.22
C PRO A 8 6.73 -0.52 5.97
N GLU A 9 6.72 -0.18 4.69
CA GLU A 9 7.31 1.02 4.16
C GLU A 9 6.34 2.20 4.29
N PRO A 10 6.87 3.47 4.25
CA PRO A 10 6.03 4.67 4.01
C PRO A 10 5.53 4.71 2.55
N ASP A 11 6.28 4.02 1.67
CA ASP A 11 6.02 3.91 0.24
C ASP A 11 5.43 2.51 -0.06
N CYS A 12 4.41 2.14 0.74
CA CYS A 12 3.71 0.84 0.67
C CYS A 12 3.02 0.58 -0.68
N TRP A 13 2.86 1.65 -1.50
CA TRP A 13 2.20 1.63 -2.81
C TRP A 13 2.70 0.46 -3.68
N GLY A 14 4.01 0.22 -3.63
CA GLY A 14 4.68 -0.76 -4.49
C GLY A 14 4.31 -2.21 -4.13
N CYS A 15 3.93 -2.41 -2.87
CA CYS A 15 3.55 -3.72 -2.32
C CYS A 15 2.07 -3.98 -2.56
N CYS A 16 1.28 -2.95 -2.28
CA CYS A 16 -0.17 -3.00 -2.23
C CYS A 16 -0.81 -3.00 -3.63
N LEU A 17 -0.46 -2.02 -4.47
CA LEU A 17 -1.07 -1.85 -5.84
C LEU A 17 -0.85 -3.01 -6.83
N VAL A 18 -0.03 -4.02 -6.49
CA VAL A 18 0.16 -5.18 -7.39
C VAL A 18 -1.06 -6.14 -7.31
N GLN A 19 -1.76 -6.07 -6.18
CA GLN A 19 -2.81 -7.04 -5.80
C GLN A 19 -4.10 -6.31 -5.33
N CYS A 20 -3.95 -5.07 -4.87
CA CYS A 20 -5.02 -4.26 -4.25
C CYS A 20 -5.19 -2.92 -5.00
N ALA A 21 -6.21 -2.14 -4.58
CA ALA A 21 -6.51 -0.81 -5.12
C ALA A 21 -5.67 0.26 -4.39
N PRO A 22 -5.44 1.47 -5.02
CA PRO A 22 -4.80 2.63 -4.34
C PRO A 22 -5.62 3.15 -3.14
N SER A 23 -6.87 2.68 -3.01
CA SER A 23 -7.70 2.90 -1.82
C SER A 23 -7.05 2.24 -0.58
N ILE A 24 -6.57 1.00 -0.77
CA ILE A 24 -5.88 0.23 0.29
C ILE A 24 -4.51 0.88 0.58
N CYS A 25 -3.77 1.11 -0.52
CA CYS A 25 -2.39 1.61 -0.51
C CYS A 25 -2.30 2.98 0.17
N ALA A 26 -3.33 3.82 -0.06
CA ALA A 26 -3.45 5.14 0.58
C ALA A 26 -3.57 5.01 2.10
N GLY A 27 -4.31 3.98 2.55
CA GLY A 27 -4.62 3.77 3.95
C GLY A 27 -3.41 3.35 4.78
N TRP A 28 -2.49 2.59 4.16
CA TRP A 28 -1.29 2.07 4.84
C TRP A 28 -0.09 3.00 4.69
N CYS A 29 0.04 3.63 3.50
CA CYS A 29 1.14 4.57 3.21
C CYS A 29 0.96 5.87 4.00
N GLY A 30 -0.17 6.54 3.80
CA GLY A 30 -0.41 7.87 4.37
C GLY A 30 -1.78 8.00 4.99
N GLY A 31 -2.80 8.16 4.13
CA GLY A 31 -4.17 8.43 4.56
C GLY A 31 -4.40 9.90 4.91
N SER A 32 -3.42 10.73 4.57
CA SER A 32 -3.33 12.12 4.99
C SER A 32 -3.61 13.05 3.78
N SER A 1 -8.62 -10.30 -0.08
CA SER A 1 -8.30 -9.45 1.08
C SER A 1 -6.78 -9.34 1.26
N CYS A 2 -6.31 -8.13 1.61
CA CYS A 2 -4.89 -7.87 1.89
C CYS A 2 -4.71 -7.79 3.43
N GLY A 3 -3.90 -8.70 3.98
CA GLY A 3 -3.72 -8.88 5.42
C GLY A 3 -3.19 -7.66 6.14
N SER A 4 -2.13 -7.10 5.55
CA SER A 4 -1.13 -6.19 6.17
C SER A 4 0.27 -6.71 5.82
N GLU A 5 0.30 -7.79 5.00
CA GLU A 5 1.52 -8.49 4.59
C GLU A 5 2.32 -7.60 3.63
N CYS A 6 1.60 -6.72 2.93
CA CYS A 6 2.16 -5.62 2.17
C CYS A 6 2.03 -4.31 2.96
N ALA A 7 2.66 -4.33 4.12
CA ALA A 7 2.99 -3.12 4.91
C ALA A 7 4.38 -3.19 5.65
N PRO A 8 5.47 -3.90 5.11
CA PRO A 8 6.84 -3.81 5.69
C PRO A 8 7.39 -2.38 5.62
N GLU A 9 7.29 -1.81 4.42
CA GLU A 9 7.89 -0.55 4.05
C GLU A 9 7.00 0.63 4.47
N PRO A 10 7.58 1.87 4.56
CA PRO A 10 6.79 3.13 4.55
C PRO A 10 6.02 3.28 3.23
N ASP A 11 6.66 2.80 2.14
CA ASP A 11 6.05 2.66 0.82
C ASP A 11 5.51 1.23 0.66
N CYS A 12 4.34 0.98 1.27
CA CYS A 12 3.60 -0.27 1.07
C CYS A 12 3.00 -0.33 -0.34
N TRP A 13 2.91 0.87 -0.97
CA TRP A 13 2.43 1.07 -2.33
C TRP A 13 3.09 0.09 -3.32
N GLY A 14 4.37 -0.19 -3.08
CA GLY A 14 5.18 -1.06 -3.93
C GLY A 14 5.18 -2.51 -3.44
N CYS A 15 3.97 -3.01 -3.18
CA CYS A 15 3.71 -4.38 -2.71
C CYS A 15 2.22 -4.67 -2.86
N CYS A 16 1.44 -3.69 -2.42
CA CYS A 16 -0.01 -3.80 -2.25
C CYS A 16 -0.76 -3.62 -3.58
N LEU A 17 -0.39 -2.61 -4.38
CA LEU A 17 -1.14 -2.29 -5.65
C LEU A 17 -0.93 -3.31 -6.80
N VAL A 18 -0.12 -4.36 -6.60
CA VAL A 18 -0.02 -5.47 -7.58
C VAL A 18 -1.18 -6.47 -7.38
N GLN A 19 -1.81 -6.40 -6.19
CA GLN A 19 -2.77 -7.40 -5.72
C GLN A 19 -4.00 -6.75 -5.04
N CYS A 20 -3.96 -5.42 -4.85
CA CYS A 20 -4.99 -4.67 -4.11
C CYS A 20 -5.21 -3.28 -4.76
N ALA A 21 -6.24 -2.59 -4.27
CA ALA A 21 -6.57 -1.22 -4.66
C ALA A 21 -5.80 -0.22 -3.77
N PRO A 22 -5.53 1.05 -4.25
CA PRO A 22 -4.94 2.14 -3.42
C PRO A 22 -5.81 2.48 -2.18
N SER A 23 -7.09 2.07 -2.22
CA SER A 23 -8.01 2.16 -1.09
C SER A 23 -7.49 1.33 0.11
N ILE A 24 -6.93 0.15 -0.20
CA ILE A 24 -6.35 -0.76 0.81
C ILE A 24 -4.97 -0.25 1.24
N CYS A 25 -4.15 0.08 0.23
CA CYS A 25 -2.73 0.45 0.39
C CYS A 25 -2.56 1.76 1.18
N ALA A 26 -3.54 2.67 1.05
CA ALA A 26 -3.58 3.93 1.82
C ALA A 26 -3.68 3.66 3.34
N GLY A 27 -4.31 2.52 3.70
CA GLY A 27 -4.56 2.18 5.10
C GLY A 27 -3.35 1.52 5.76
N TRP A 28 -2.54 0.84 4.94
CA TRP A 28 -1.34 0.10 5.41
C TRP A 28 -0.08 0.98 5.36
N CYS A 29 -0.01 1.89 4.37
CA CYS A 29 1.06 2.90 4.28
C CYS A 29 0.87 3.99 5.32
N GLY A 30 -0.11 4.87 5.04
CA GLY A 30 -0.30 6.08 5.79
C GLY A 30 -1.06 7.10 4.97
N GLY A 31 -0.42 7.53 3.87
CA GLY A 31 -1.02 8.51 2.95
C GLY A 31 -0.03 8.99 1.91
N SER A 32 -0.22 10.24 1.46
CA SER A 32 0.58 10.86 0.39
C SER A 32 1.98 11.28 0.92
N SER A 1 -9.52 -7.14 0.14
CA SER A 1 -8.51 -6.45 0.97
C SER A 1 -7.15 -6.44 0.27
N CYS A 2 -6.28 -5.50 0.68
CA CYS A 2 -4.87 -5.48 0.26
C CYS A 2 -4.09 -6.52 1.07
N GLY A 3 -2.78 -6.63 0.82
CA GLY A 3 -1.91 -7.50 1.62
C GLY A 3 -1.55 -6.86 2.96
N SER A 4 -1.76 -5.51 3.07
CA SER A 4 -1.48 -4.68 4.28
C SER A 4 0.02 -4.68 4.68
N GLU A 5 0.87 -5.26 3.81
CA GLU A 5 2.32 -5.35 4.02
C GLU A 5 3.04 -4.54 2.91
N CYS A 6 2.24 -3.81 2.11
CA CYS A 6 2.74 -2.82 1.14
C CYS A 6 2.45 -1.39 1.62
N ALA A 7 2.53 -1.24 2.96
CA ALA A 7 2.56 0.05 3.65
C ALA A 7 4.01 0.57 4.03
N PRO A 8 5.15 -0.27 4.09
CA PRO A 8 6.41 0.14 4.79
C PRO A 8 7.11 1.36 4.17
N GLU A 9 7.35 1.26 2.85
CA GLU A 9 8.17 2.20 2.11
C GLU A 9 7.47 3.57 1.95
N PRO A 10 8.23 4.66 1.67
CA PRO A 10 7.65 5.91 1.13
C PRO A 10 7.13 5.71 -0.32
N ASP A 11 7.74 4.73 -1.02
CA ASP A 11 7.34 4.31 -2.38
C ASP A 11 6.47 3.02 -2.29
N CYS A 12 5.70 2.92 -1.18
CA CYS A 12 4.79 1.78 -0.88
C CYS A 12 3.69 1.61 -1.94
N TRP A 13 3.41 2.69 -2.72
CA TRP A 13 2.47 2.68 -3.84
C TRP A 13 2.87 1.58 -4.86
N GLY A 14 4.18 1.42 -5.05
CA GLY A 14 4.74 0.48 -6.03
C GLY A 14 4.50 -0.98 -5.65
N CYS A 15 4.30 -1.20 -4.35
CA CYS A 15 4.08 -2.54 -3.76
C CYS A 15 2.58 -2.85 -3.75
N CYS A 16 1.81 -1.82 -3.36
CA CYS A 16 0.38 -1.93 -3.10
C CYS A 16 -0.43 -2.11 -4.39
N LEU A 17 -0.20 -1.22 -5.36
CA LEU A 17 -1.00 -1.17 -6.62
C LEU A 17 -0.73 -2.33 -7.62
N VAL A 18 0.02 -3.37 -7.24
CA VAL A 18 0.15 -4.60 -8.06
C VAL A 18 -0.95 -5.61 -7.65
N GLN A 19 -1.59 -5.35 -6.51
CA GLN A 19 -2.47 -6.31 -5.81
C GLN A 19 -3.55 -5.61 -4.96
N CYS A 20 -3.60 -4.25 -5.01
CA CYS A 20 -4.59 -3.45 -4.25
C CYS A 20 -4.94 -2.19 -5.07
N ALA A 21 -6.12 -1.62 -4.80
CA ALA A 21 -6.60 -0.40 -5.48
C ALA A 21 -5.91 0.86 -4.91
N PRO A 22 -5.71 1.96 -5.73
CA PRO A 22 -5.16 3.25 -5.23
C PRO A 22 -5.97 3.88 -4.08
N SER A 23 -7.25 3.50 -3.95
CA SER A 23 -8.10 3.90 -2.81
C SER A 23 -7.56 3.29 -1.49
N ILE A 24 -7.09 2.03 -1.58
CA ILE A 24 -6.54 1.30 -0.43
C ILE A 24 -5.13 1.84 -0.12
N CYS A 25 -4.35 2.04 -1.20
CA CYS A 25 -2.96 2.51 -1.12
C CYS A 25 -2.88 3.96 -0.60
N ALA A 26 -3.96 4.73 -0.85
CA ALA A 26 -4.16 6.07 -0.26
C ALA A 26 -4.37 5.99 1.26
N GLY A 27 -4.91 4.85 1.73
CA GLY A 27 -5.13 4.61 3.15
C GLY A 27 -3.84 4.25 3.89
N TRP A 28 -2.95 3.50 3.20
CA TRP A 28 -1.65 3.09 3.77
C TRP A 28 -0.61 4.22 3.62
N CYS A 29 -0.21 4.48 2.36
CA CYS A 29 0.84 5.46 2.02
C CYS A 29 0.44 6.90 2.38
N GLY A 30 -0.79 7.29 1.96
CA GLY A 30 -1.31 8.63 2.20
C GLY A 30 -1.85 8.80 3.62
N GLY A 31 -2.03 7.67 4.34
CA GLY A 31 -2.50 7.67 5.73
C GLY A 31 -1.37 7.82 6.75
N SER A 32 -1.66 7.47 8.01
CA SER A 32 -0.72 7.61 9.13
C SER A 32 0.20 6.36 9.24
N SER A 1 -8.49 -6.98 3.99
CA SER A 1 -7.62 -5.86 3.63
C SER A 1 -6.27 -6.41 3.11
N CYS A 2 -6.20 -6.61 1.77
CA CYS A 2 -5.05 -7.24 1.07
C CYS A 2 -4.82 -8.67 1.62
N GLY A 3 -3.58 -9.15 1.55
CA GLY A 3 -3.17 -10.35 2.28
C GLY A 3 -2.66 -10.03 3.68
N SER A 4 -2.55 -8.70 4.00
CA SER A 4 -1.91 -8.18 5.24
C SER A 4 -0.40 -8.53 5.24
N GLU A 5 0.11 -8.84 4.03
CA GLU A 5 1.46 -9.34 3.79
C GLU A 5 2.30 -8.17 3.24
N CYS A 6 1.67 -7.35 2.38
CA CYS A 6 2.27 -6.14 1.81
C CYS A 6 2.07 -4.92 2.73
N ALA A 7 2.32 -5.12 4.03
CA ALA A 7 2.50 -4.05 5.02
C ALA A 7 3.86 -4.07 5.80
N PRO A 8 5.05 -4.52 5.21
CA PRO A 8 6.37 -4.32 5.87
C PRO A 8 6.72 -2.84 5.99
N GLU A 9 6.81 -2.20 4.81
CA GLU A 9 7.33 -0.87 4.67
C GLU A 9 6.24 0.19 4.97
N PRO A 10 6.64 1.40 5.45
CA PRO A 10 5.78 2.62 5.43
C PRO A 10 5.38 2.96 3.98
N ASP A 11 6.28 2.68 3.02
CA ASP A 11 6.03 2.77 1.57
C ASP A 11 5.60 1.36 1.07
N CYS A 12 4.40 0.96 1.48
CA CYS A 12 3.79 -0.34 1.15
C CYS A 12 3.20 -0.38 -0.27
N TRP A 13 3.04 0.81 -0.87
CA TRP A 13 2.41 1.02 -2.18
C TRP A 13 2.97 0.07 -3.28
N GLY A 14 4.28 -0.16 -3.21
CA GLY A 14 5.00 -0.91 -4.27
C GLY A 14 4.76 -2.41 -4.21
N CYS A 15 4.27 -2.88 -3.05
CA CYS A 15 3.93 -4.29 -2.82
C CYS A 15 2.44 -4.52 -3.08
N CYS A 16 1.66 -3.68 -2.42
CA CYS A 16 0.21 -3.84 -2.25
C CYS A 16 -0.57 -3.56 -3.54
N LEU A 17 -0.23 -2.45 -4.23
CA LEU A 17 -1.00 -1.96 -5.42
C LEU A 17 -1.11 -2.97 -6.59
N VAL A 18 -0.20 -3.95 -6.70
CA VAL A 18 -0.19 -4.91 -7.84
C VAL A 18 -1.27 -6.00 -7.65
N GLN A 19 -1.68 -6.21 -6.40
CA GLN A 19 -2.54 -7.34 -5.99
C GLN A 19 -3.68 -6.86 -5.07
N CYS A 20 -3.72 -5.54 -4.79
CA CYS A 20 -4.76 -4.90 -3.96
C CYS A 20 -4.98 -3.46 -4.46
N ALA A 21 -6.07 -2.84 -3.96
CA ALA A 21 -6.46 -1.48 -4.34
C ALA A 21 -5.71 -0.43 -3.51
N PRO A 22 -5.52 0.83 -4.02
CA PRO A 22 -5.05 1.99 -3.21
C PRO A 22 -5.91 2.24 -1.96
N SER A 23 -7.18 1.82 -2.04
CA SER A 23 -8.12 1.82 -0.91
C SER A 23 -7.57 1.01 0.28
N ILE A 24 -6.88 -0.11 -0.03
CA ILE A 24 -6.27 -0.98 0.97
C ILE A 24 -4.89 -0.43 1.39
N CYS A 25 -4.07 -0.11 0.37
CA CYS A 25 -2.66 0.26 0.56
C CYS A 25 -2.51 1.57 1.35
N ALA A 26 -3.54 2.44 1.28
CA ALA A 26 -3.62 3.69 2.09
C ALA A 26 -3.60 3.39 3.61
N GLY A 27 -4.20 2.25 3.99
CA GLY A 27 -4.30 1.87 5.40
C GLY A 27 -3.01 1.27 5.95
N TRP A 28 -2.38 0.39 5.15
CA TRP A 28 -1.13 -0.29 5.53
C TRP A 28 0.07 0.68 5.49
N CYS A 29 0.03 1.62 4.52
CA CYS A 29 1.04 2.69 4.38
C CYS A 29 0.79 3.80 5.42
N GLY A 30 -0.19 4.69 5.13
CA GLY A 30 -0.39 5.90 5.92
C GLY A 30 -1.60 6.71 5.47
N GLY A 31 -1.70 6.94 4.15
CA GLY A 31 -2.80 7.70 3.54
C GLY A 31 -2.53 9.20 3.50
N SER A 32 -1.82 9.63 2.44
CA SER A 32 -1.49 11.04 2.20
C SER A 32 -1.42 11.31 0.67
N SER A 1 -9.25 -5.37 2.06
CA SER A 1 -8.78 -4.17 1.34
C SER A 1 -7.43 -4.46 0.64
N CYS A 2 -6.43 -4.88 1.43
CA CYS A 2 -5.10 -5.31 0.95
C CYS A 2 -4.73 -6.60 1.69
N GLY A 3 -3.43 -6.93 1.75
CA GLY A 3 -2.96 -8.01 2.60
C GLY A 3 -2.61 -7.55 4.01
N SER A 4 -2.56 -6.20 4.22
CA SER A 4 -2.11 -5.55 5.48
C SER A 4 -0.60 -5.74 5.68
N GLU A 5 0.05 -6.33 4.66
CA GLU A 5 1.46 -6.70 4.67
C GLU A 5 2.29 -5.51 4.20
N CYS A 6 1.82 -4.90 3.10
CA CYS A 6 2.45 -3.77 2.44
C CYS A 6 1.96 -2.43 3.03
N ALA A 7 2.02 -2.36 4.36
CA ALA A 7 1.87 -1.12 5.14
C ALA A 7 3.19 -0.51 5.74
N PRO A 8 4.40 -1.22 5.83
CA PRO A 8 5.49 -0.83 6.77
C PRO A 8 6.10 0.53 6.45
N GLU A 9 6.44 0.68 5.17
CA GLU A 9 7.26 1.76 4.67
C GLU A 9 6.47 3.06 4.54
N PRO A 10 7.16 4.25 4.60
CA PRO A 10 6.51 5.55 4.37
C PRO A 10 5.91 5.60 2.95
N ASP A 11 6.66 5.02 1.99
CA ASP A 11 6.15 4.71 0.64
C ASP A 11 5.79 3.22 0.61
N CYS A 12 4.60 2.91 1.11
CA CYS A 12 3.98 1.56 0.99
C CYS A 12 3.50 1.28 -0.44
N TRP A 13 3.33 2.36 -1.24
CA TRP A 13 2.80 2.31 -2.61
C TRP A 13 3.47 1.23 -3.47
N GLY A 14 4.78 1.10 -3.30
CA GLY A 14 5.62 0.23 -4.16
C GLY A 14 5.34 -1.26 -3.95
N CYS A 15 4.90 -1.58 -2.73
CA CYS A 15 4.59 -2.96 -2.31
C CYS A 15 3.12 -3.28 -2.59
N CYS A 16 2.30 -2.32 -2.21
CA CYS A 16 0.83 -2.45 -2.10
C CYS A 16 0.15 -2.46 -3.47
N LEU A 17 0.58 -1.55 -4.35
CA LEU A 17 -0.07 -1.33 -5.67
C LEU A 17 -0.03 -2.55 -6.64
N VAL A 18 0.84 -3.55 -6.38
CA VAL A 18 0.96 -4.73 -7.27
C VAL A 18 -0.15 -5.77 -6.97
N GLN A 19 -0.88 -5.55 -5.87
CA GLN A 19 -1.82 -6.53 -5.31
C GLN A 19 -3.02 -5.84 -4.62
N CYS A 20 -2.99 -4.48 -4.55
CA CYS A 20 -4.04 -3.67 -3.91
C CYS A 20 -4.19 -2.35 -4.69
N ALA A 21 -5.31 -1.66 -4.47
CA ALA A 21 -5.65 -0.41 -5.18
C ALA A 21 -4.96 0.82 -4.53
N PRO A 22 -4.77 1.96 -5.30
CA PRO A 22 -4.27 3.26 -4.74
C PRO A 22 -5.19 3.81 -3.64
N SER A 23 -6.47 3.40 -3.66
CA SER A 23 -7.44 3.74 -2.61
C SER A 23 -7.03 3.08 -1.27
N ILE A 24 -6.40 1.89 -1.36
CA ILE A 24 -5.98 1.13 -0.18
C ILE A 24 -4.61 1.61 0.32
N CYS A 25 -3.67 1.71 -0.63
CA CYS A 25 -2.28 2.09 -0.37
C CYS A 25 -2.18 3.51 0.19
N ALA A 26 -3.16 4.36 -0.17
CA ALA A 26 -3.35 5.69 0.46
C ALA A 26 -3.46 5.56 2.00
N GLY A 27 -4.27 4.58 2.43
CA GLY A 27 -4.59 4.37 3.85
C GLY A 27 -3.42 3.79 4.65
N TRP A 28 -2.61 2.94 4.00
CA TRP A 28 -1.46 2.27 4.66
C TRP A 28 -0.19 3.15 4.64
N CYS A 29 -0.07 4.02 3.62
CA CYS A 29 1.05 4.96 3.51
C CYS A 29 0.85 6.19 4.44
N GLY A 30 -0.12 7.05 4.09
CA GLY A 30 -0.26 8.36 4.75
C GLY A 30 -1.70 8.83 4.86
N GLY A 31 -2.41 8.86 3.73
CA GLY A 31 -3.73 9.49 3.62
C GLY A 31 -3.58 10.92 3.16
N SER A 32 -2.97 11.74 4.04
CA SER A 32 -2.48 13.10 3.76
C SER A 32 -3.59 14.02 3.12
N SER A 1 -10.12 -5.68 1.21
CA SER A 1 -8.90 -5.06 1.77
C SER A 1 -7.68 -5.98 1.56
N CYS A 2 -6.50 -5.54 2.03
CA CYS A 2 -5.26 -6.32 1.93
C CYS A 2 -4.60 -6.47 3.32
N GLY A 3 -3.66 -7.41 3.42
CA GLY A 3 -3.20 -7.98 4.70
C GLY A 3 -2.13 -7.20 5.45
N SER A 4 -1.86 -5.95 5.03
CA SER A 4 -0.73 -5.11 5.53
C SER A 4 0.65 -5.79 5.32
N GLU A 5 0.67 -6.83 4.46
CA GLU A 5 1.89 -7.58 4.15
C GLU A 5 2.75 -6.76 3.18
N CYS A 6 2.06 -5.93 2.37
CA CYS A 6 2.68 -4.90 1.56
C CYS A 6 2.62 -3.53 2.28
N ALA A 7 3.07 -3.55 3.54
CA ALA A 7 3.43 -2.34 4.31
C ALA A 7 4.92 -2.32 4.87
N PRO A 8 5.96 -3.10 4.33
CA PRO A 8 7.38 -2.97 4.80
C PRO A 8 7.95 -1.56 4.64
N GLU A 9 7.94 -1.09 3.39
CA GLU A 9 8.54 0.17 3.00
C GLU A 9 7.63 1.37 3.35
N PRO A 10 8.21 2.60 3.56
CA PRO A 10 7.43 3.85 3.65
C PRO A 10 6.64 4.10 2.35
N ASP A 11 7.25 3.72 1.21
CA ASP A 11 6.57 3.62 -0.07
C ASP A 11 6.06 2.17 -0.23
N CYS A 12 4.98 1.88 0.49
CA CYS A 12 4.24 0.60 0.39
C CYS A 12 3.53 0.48 -0.97
N TRP A 13 3.36 1.64 -1.65
CA TRP A 13 2.79 1.76 -2.99
C TRP A 13 3.45 0.77 -3.97
N GLY A 14 4.77 0.57 -3.78
CA GLY A 14 5.59 -0.27 -4.66
C GLY A 14 5.56 -1.76 -4.30
N CYS A 15 4.47 -2.19 -3.64
CA CYS A 15 4.20 -3.59 -3.27
C CYS A 15 2.70 -3.86 -3.42
N CYS A 16 1.94 -2.91 -2.88
CA CYS A 16 0.50 -2.98 -2.69
C CYS A 16 -0.25 -2.71 -4.01
N LEU A 17 0.17 -1.68 -4.76
CA LEU A 17 -0.55 -1.24 -6.00
C LEU A 17 -0.62 -2.30 -7.13
N VAL A 18 0.15 -3.40 -7.05
CA VAL A 18 0.12 -4.45 -8.11
C VAL A 18 -1.07 -5.41 -7.89
N GLN A 19 -1.59 -5.43 -6.65
CA GLN A 19 -2.58 -6.42 -6.18
C GLN A 19 -3.64 -5.78 -5.26
N CYS A 20 -3.59 -4.43 -5.12
CA CYS A 20 -4.53 -3.63 -4.33
C CYS A 20 -4.72 -2.25 -5.01
N ALA A 21 -5.68 -1.46 -4.50
CA ALA A 21 -5.96 -0.10 -5.02
C ALA A 21 -5.28 0.99 -4.14
N PRO A 22 -5.11 2.26 -4.66
CA PRO A 22 -4.69 3.43 -3.84
C PRO A 22 -5.43 3.59 -2.50
N SER A 23 -6.71 3.16 -2.44
CA SER A 23 -7.53 3.18 -1.21
C SER A 23 -6.85 2.39 -0.08
N ILE A 24 -6.26 1.24 -0.44
CA ILE A 24 -5.59 0.33 0.50
C ILE A 24 -4.20 0.88 0.87
N CYS A 25 -3.39 1.11 -0.18
CA CYS A 25 -1.96 1.44 -0.06
C CYS A 25 -1.74 2.79 0.67
N ALA A 26 -2.69 3.73 0.50
CA ALA A 26 -2.64 5.06 1.16
C ALA A 26 -2.62 4.93 2.70
N GLY A 27 -3.27 3.87 3.22
CA GLY A 27 -3.43 3.67 4.66
C GLY A 27 -2.21 3.03 5.30
N TRP A 28 -1.45 2.27 4.48
CA TRP A 28 -0.24 1.56 4.94
C TRP A 28 1.02 2.43 4.74
N CYS A 29 0.98 3.28 3.71
CA CYS A 29 2.05 4.22 3.37
C CYS A 29 1.99 5.48 4.24
N GLY A 30 0.96 6.29 3.98
CA GLY A 30 0.87 7.66 4.50
C GLY A 30 0.51 8.65 3.40
N GLY A 31 -0.33 8.20 2.45
CA GLY A 31 -0.80 9.04 1.35
C GLY A 31 -2.13 9.73 1.66
N SER A 32 -2.73 10.34 0.64
CA SER A 32 -4.02 11.05 0.74
C SER A 32 -4.66 11.17 -0.66
N SER A 1 -5.91 -5.40 3.45
CA SER A 1 -5.29 -4.50 2.46
C SER A 1 -4.04 -5.18 1.87
N CYS A 2 -4.26 -5.99 0.81
CA CYS A 2 -3.20 -6.79 0.14
C CYS A 2 -2.47 -7.75 1.11
N GLY A 3 -1.24 -8.15 0.76
CA GLY A 3 -0.47 -9.11 1.58
C GLY A 3 0.36 -8.45 2.67
N SER A 4 0.39 -7.10 2.68
CA SER A 4 1.19 -6.26 3.61
C SER A 4 2.70 -6.53 3.49
N GLU A 5 3.09 -7.18 2.38
CA GLU A 5 4.47 -7.55 2.09
C GLU A 5 5.22 -6.31 1.57
N CYS A 6 4.48 -5.49 0.81
CA CYS A 6 4.97 -4.25 0.23
C CYS A 6 4.48 -3.03 1.06
N ALA A 7 4.58 -3.19 2.39
CA ALA A 7 4.35 -2.12 3.38
C ALA A 7 5.64 -1.37 3.89
N PRO A 8 6.91 -1.97 3.90
CA PRO A 8 8.01 -1.51 4.80
C PRO A 8 8.51 -0.09 4.49
N GLU A 9 8.69 0.15 3.19
CA GLU A 9 9.52 1.22 2.67
C GLU A 9 8.75 2.57 2.64
N PRO A 10 9.49 3.72 2.65
CA PRO A 10 8.91 5.03 2.23
C PRO A 10 8.53 5.01 0.72
N ASP A 11 9.24 4.17 -0.06
CA ASP A 11 8.96 3.92 -1.49
C ASP A 11 8.29 2.54 -1.65
N CYS A 12 7.37 2.18 -0.70
CA CYS A 12 6.62 0.91 -0.74
C CYS A 12 5.70 0.85 -1.96
N TRP A 13 5.36 2.05 -2.49
CA TRP A 13 4.62 2.23 -3.74
C TRP A 13 5.21 1.39 -4.89
N GLY A 14 6.55 1.32 -4.91
CA GLY A 14 7.30 0.67 -6.00
C GLY A 14 7.22 -0.86 -5.97
N CYS A 15 6.75 -1.38 -4.82
CA CYS A 15 6.53 -2.81 -4.58
C CYS A 15 5.05 -3.17 -4.76
N CYS A 16 4.23 -2.27 -4.26
CA CYS A 16 2.79 -2.44 -4.07
C CYS A 16 1.99 -2.21 -5.36
N LEU A 17 2.31 -1.13 -6.10
CA LEU A 17 1.56 -0.71 -7.33
C LEU A 17 1.62 -1.71 -8.52
N VAL A 18 2.33 -2.85 -8.39
CA VAL A 18 2.33 -3.91 -9.44
C VAL A 18 1.16 -4.91 -9.23
N GLN A 19 0.70 -4.97 -7.97
CA GLN A 19 -0.24 -6.01 -7.50
C GLN A 19 -1.38 -5.38 -6.67
N CYS A 20 -1.31 -4.05 -6.45
CA CYS A 20 -2.28 -3.31 -5.62
C CYS A 20 -2.54 -1.92 -6.21
N ALA A 21 -3.56 -1.25 -5.65
CA ALA A 21 -3.98 0.11 -6.06
C ALA A 21 -3.28 1.19 -5.19
N PRO A 22 -3.22 2.49 -5.66
CA PRO A 22 -2.79 3.65 -4.84
C PRO A 22 -3.50 3.74 -3.47
N SER A 23 -4.75 3.23 -3.40
CA SER A 23 -5.55 3.17 -2.16
C SER A 23 -4.86 2.30 -1.09
N ILE A 24 -4.26 1.18 -1.55
CA ILE A 24 -3.56 0.22 -0.68
C ILE A 24 -2.17 0.79 -0.29
N CYS A 25 -1.41 1.17 -1.34
CA CYS A 25 -0.01 1.60 -1.22
C CYS A 25 0.13 2.88 -0.37
N ALA A 26 -0.90 3.74 -0.41
CA ALA A 26 -0.99 4.93 0.46
C ALA A 26 -1.18 4.50 1.93
N GLY A 27 -2.01 3.47 2.14
CA GLY A 27 -2.36 2.99 3.47
C GLY A 27 -1.18 2.34 4.21
N TRP A 28 -0.21 1.83 3.42
CA TRP A 28 0.99 1.18 3.96
C TRP A 28 2.19 2.15 4.03
N CYS A 29 2.39 2.94 2.96
CA CYS A 29 3.48 3.97 2.94
C CYS A 29 3.14 5.15 3.88
N GLY A 30 2.17 5.96 3.43
CA GLY A 30 1.86 7.23 4.07
C GLY A 30 0.67 7.90 3.41
N GLY A 31 -0.51 7.77 4.04
CA GLY A 31 -1.75 8.36 3.52
C GLY A 31 -2.97 7.86 4.28
N SER A 32 -3.78 8.82 4.77
CA SER A 32 -4.98 8.55 5.58
C SER A 32 -6.17 8.15 4.67
N SER A 1 -7.85 -8.97 -0.26
CA SER A 1 -7.58 -8.22 0.98
C SER A 1 -6.08 -8.26 1.32
N CYS A 2 -5.55 -7.15 1.87
CA CYS A 2 -4.19 -7.12 2.43
C CYS A 2 -4.20 -7.67 3.88
N GLY A 3 -3.01 -8.06 4.35
CA GLY A 3 -2.85 -8.71 5.66
C GLY A 3 -2.06 -7.88 6.64
N SER A 4 -1.98 -6.55 6.36
CA SER A 4 -1.04 -5.62 7.00
C SER A 4 0.42 -5.98 6.66
N GLU A 5 0.59 -6.84 5.62
CA GLU A 5 1.92 -7.29 5.16
C GLU A 5 2.52 -6.21 4.28
N CYS A 6 1.62 -5.52 3.56
CA CYS A 6 1.94 -4.35 2.75
C CYS A 6 1.60 -3.04 3.49
N ALA A 7 2.02 -3.00 4.76
CA ALA A 7 2.00 -1.80 5.61
C ALA A 7 3.42 -1.24 6.00
N PRO A 8 4.64 -1.90 5.70
CA PRO A 8 5.94 -1.46 6.28
C PRO A 8 6.34 -0.04 5.88
N GLU A 9 6.28 0.20 4.58
CA GLU A 9 6.79 1.41 3.96
C GLU A 9 5.82 2.60 4.16
N PRO A 10 6.35 3.87 4.16
CA PRO A 10 5.51 5.08 3.99
C PRO A 10 4.88 5.13 2.57
N ASP A 11 5.58 4.46 1.63
CA ASP A 11 5.12 4.26 0.25
C ASP A 11 4.65 2.79 0.10
N CYS A 12 3.85 2.34 1.10
CA CYS A 12 3.25 0.97 1.15
C CYS A 12 2.42 0.64 -0.11
N TRP A 13 2.01 1.72 -0.83
CA TRP A 13 1.37 1.67 -2.15
C TRP A 13 2.04 0.65 -3.10
N GLY A 14 3.37 0.60 -3.04
CA GLY A 14 4.20 -0.23 -3.94
C GLY A 14 4.04 -1.74 -3.70
N CYS A 15 3.61 -2.09 -2.49
CA CYS A 15 3.37 -3.47 -2.06
C CYS A 15 1.88 -3.83 -2.23
N CYS A 16 1.07 -2.89 -1.77
CA CYS A 16 -0.38 -3.08 -1.54
C CYS A 16 -1.18 -3.02 -2.84
N LEU A 17 -0.91 -2.01 -3.68
CA LEU A 17 -1.71 -1.75 -4.92
C LEU A 17 -1.69 -2.90 -5.98
N VAL A 18 -0.77 -3.87 -5.85
CA VAL A 18 -0.71 -5.01 -6.83
C VAL A 18 -1.87 -6.02 -6.59
N GLN A 19 -2.39 -6.02 -5.37
CA GLN A 19 -3.32 -7.06 -4.85
C GLN A 19 -4.53 -6.44 -4.13
N CYS A 20 -4.39 -5.16 -3.72
CA CYS A 20 -5.40 -4.43 -2.93
C CYS A 20 -5.73 -3.09 -3.59
N ALA A 21 -6.77 -2.43 -3.06
CA ALA A 21 -7.27 -1.14 -3.54
C ALA A 21 -6.49 0.03 -2.90
N PRO A 22 -6.43 1.23 -3.56
CA PRO A 22 -5.93 2.50 -2.94
C PRO A 22 -6.55 2.82 -1.58
N SER A 23 -7.78 2.33 -1.33
CA SER A 23 -8.46 2.48 -0.03
C SER A 23 -7.66 1.78 1.10
N ILE A 24 -7.14 0.57 0.80
CA ILE A 24 -6.34 -0.22 1.75
C ILE A 24 -4.98 0.46 1.99
N CYS A 25 -4.29 0.72 0.88
CA CYS A 25 -2.93 1.29 0.88
C CYS A 25 -2.90 2.67 1.54
N ALA A 26 -4.01 3.44 1.38
CA ALA A 26 -4.20 4.75 2.03
C ALA A 26 -4.17 4.62 3.58
N GLY A 27 -4.73 3.50 4.08
CA GLY A 27 -4.88 3.28 5.52
C GLY A 27 -3.57 2.87 6.17
N TRP A 28 -2.82 1.99 5.49
CA TRP A 28 -1.54 1.45 6.01
C TRP A 28 -0.39 2.45 5.86
N CYS A 29 -0.36 3.15 4.72
CA CYS A 29 0.61 4.23 4.47
C CYS A 29 0.33 5.43 5.39
N GLY A 30 -0.85 6.02 5.19
CA GLY A 30 -1.20 7.31 5.77
C GLY A 30 -0.72 8.46 4.90
N GLY A 31 0.59 8.46 4.58
CA GLY A 31 1.22 9.43 3.67
C GLY A 31 0.59 9.39 2.28
N SER A 32 -0.25 10.40 2.00
CA SER A 32 -0.97 10.53 0.73
C SER A 32 -1.33 12.02 0.54
N SER A 1 -8.81 -6.47 -0.87
CA SER A 1 -7.83 -6.90 0.16
C SER A 1 -6.39 -6.70 -0.35
N CYS A 2 -5.41 -7.13 0.46
CA CYS A 2 -3.98 -7.07 0.12
C CYS A 2 -3.23 -8.15 0.90
N GLY A 3 -1.90 -8.14 0.83
CA GLY A 3 -1.06 -9.03 1.64
C GLY A 3 -0.84 -8.49 3.06
N SER A 4 -1.07 -7.16 3.23
CA SER A 4 -0.86 -6.44 4.51
C SER A 4 0.63 -6.30 4.87
N GLU A 5 1.48 -6.69 3.92
CA GLU A 5 2.95 -6.75 4.10
C GLU A 5 3.64 -5.78 3.13
N CYS A 6 2.83 -4.97 2.43
CA CYS A 6 3.31 -3.94 1.51
C CYS A 6 2.95 -2.53 2.03
N ALA A 7 2.93 -2.43 3.37
CA ALA A 7 2.90 -1.16 4.11
C ALA A 7 4.30 -0.62 4.58
N PRO A 8 5.43 -1.43 4.71
CA PRO A 8 6.63 -1.03 5.51
C PRO A 8 7.43 0.10 4.88
N GLU A 9 7.70 -0.06 3.57
CA GLU A 9 8.70 0.69 2.85
C GLU A 9 8.30 2.17 2.66
N PRO A 10 9.28 3.08 2.38
CA PRO A 10 8.97 4.47 1.98
C PRO A 10 8.29 4.52 0.58
N ASP A 11 8.62 3.52 -0.25
CA ASP A 11 8.08 3.34 -1.60
C ASP A 11 7.14 2.10 -1.63
N CYS A 12 6.46 1.85 -0.48
CA CYS A 12 5.55 0.71 -0.27
C CYS A 12 4.43 0.59 -1.33
N TRP A 13 4.13 1.70 -2.02
CA TRP A 13 3.17 1.74 -3.13
C TRP A 13 3.54 0.72 -4.23
N GLY A 14 4.85 0.59 -4.46
CA GLY A 14 5.39 -0.30 -5.50
C GLY A 14 5.22 -1.77 -5.17
N CYS A 15 5.05 -2.03 -3.87
CA CYS A 15 4.84 -3.37 -3.32
C CYS A 15 3.35 -3.73 -3.41
N CYS A 16 2.54 -2.75 -3.03
CA CYS A 16 1.11 -2.92 -2.82
C CYS A 16 0.33 -2.94 -4.13
N LEU A 17 0.49 -1.89 -4.95
CA LEU A 17 -0.27 -1.72 -6.23
C LEU A 17 -0.03 -2.82 -7.29
N VAL A 18 0.96 -3.72 -7.08
CA VAL A 18 1.22 -4.80 -8.07
C VAL A 18 0.21 -5.95 -7.86
N GLN A 19 -0.46 -5.94 -6.71
CA GLN A 19 -1.32 -7.05 -6.25
C GLN A 19 -2.57 -6.53 -5.49
N CYS A 20 -2.65 -5.20 -5.26
CA CYS A 20 -3.74 -4.57 -4.48
C CYS A 20 -4.16 -3.26 -5.17
N ALA A 21 -5.27 -2.67 -4.71
CA ALA A 21 -5.79 -1.40 -5.26
C ALA A 21 -5.02 -0.18 -4.70
N PRO A 22 -4.89 0.94 -5.47
CA PRO A 22 -4.45 2.26 -4.94
C PRO A 22 -5.29 2.74 -3.75
N SER A 23 -6.55 2.28 -3.69
CA SER A 23 -7.45 2.53 -2.55
C SER A 23 -6.89 1.85 -1.27
N ILE A 24 -6.33 0.64 -1.45
CA ILE A 24 -5.74 -0.15 -0.36
C ILE A 24 -4.39 0.47 0.06
N CYS A 25 -3.55 0.77 -0.94
CA CYS A 25 -2.19 1.31 -0.76
C CYS A 25 -2.22 2.70 -0.09
N ALA A 26 -3.28 3.46 -0.39
CA ALA A 26 -3.58 4.75 0.26
C ALA A 26 -3.78 4.58 1.79
N GLY A 27 -4.31 3.41 2.19
CA GLY A 27 -4.59 3.12 3.60
C GLY A 27 -3.35 2.63 4.36
N TRP A 28 -2.46 1.90 3.66
CA TRP A 28 -1.24 1.34 4.25
C TRP A 28 -0.13 2.41 4.34
N CYS A 29 0.18 3.03 3.20
CA CYS A 29 1.32 3.97 3.06
C CYS A 29 0.99 5.37 3.62
N GLY A 30 0.10 6.10 2.91
CA GLY A 30 -0.08 7.53 3.15
C GLY A 30 -1.54 7.93 3.09
N GLY A 31 -2.16 8.13 4.28
CA GLY A 31 -3.57 8.53 4.37
C GLY A 31 -3.76 10.02 4.07
N SER A 32 -3.72 10.36 2.77
CA SER A 32 -3.76 11.75 2.28
C SER A 32 -4.53 11.80 0.95
N SER A 1 -8.20 -5.04 0.45
CA SER A 1 -6.90 -4.61 1.02
C SER A 1 -5.73 -5.07 0.15
N CYS A 2 -4.49 -4.72 0.55
CA CYS A 2 -3.25 -5.28 -0.04
C CYS A 2 -2.81 -6.48 0.82
N GLY A 3 -1.56 -6.93 0.62
CA GLY A 3 -0.94 -7.92 1.50
C GLY A 3 -0.48 -7.32 2.83
N SER A 4 -0.37 -5.95 2.87
CA SER A 4 0.20 -5.18 4.01
C SER A 4 1.72 -5.43 4.04
N GLU A 5 2.27 -5.68 2.84
CA GLU A 5 3.68 -6.07 2.64
C GLU A 5 4.43 -4.93 1.93
N CYS A 6 3.71 -4.18 1.09
CA CYS A 6 4.24 -3.12 0.24
C CYS A 6 3.93 -1.72 0.80
N ALA A 7 4.12 -1.58 2.11
CA ALA A 7 4.14 -0.28 2.83
C ALA A 7 5.56 0.25 3.28
N PRO A 8 6.73 -0.52 3.24
CA PRO A 8 7.99 -0.09 3.93
C PRO A 8 8.65 1.17 3.33
N GLU A 9 8.82 1.13 2.00
CA GLU A 9 9.72 2.01 1.27
C GLU A 9 9.09 3.40 1.01
N PRO A 10 9.93 4.43 0.67
CA PRO A 10 9.43 5.71 0.11
C PRO A 10 8.93 5.55 -1.36
N ASP A 11 9.34 4.43 -1.98
CA ASP A 11 8.93 4.04 -3.34
C ASP A 11 8.08 2.73 -3.30
N CYS A 12 7.41 2.53 -2.14
CA CYS A 12 6.54 1.35 -1.89
C CYS A 12 5.34 1.26 -2.87
N TRP A 13 5.04 2.39 -3.56
CA TRP A 13 4.02 2.43 -4.61
C TRP A 13 4.28 1.36 -5.68
N GLY A 14 5.56 1.16 -6.00
CA GLY A 14 5.98 0.22 -7.06
C GLY A 14 5.71 -1.23 -6.69
N CYS A 15 5.74 -1.48 -5.36
CA CYS A 15 5.50 -2.80 -4.76
C CYS A 15 4.00 -3.07 -4.67
N CYS A 16 3.27 -2.03 -4.24
CA CYS A 16 1.84 -2.10 -3.96
C CYS A 16 1.03 -2.25 -5.25
N LEU A 17 1.25 -1.32 -6.20
CA LEU A 17 0.46 -1.24 -7.46
C LEU A 17 0.71 -2.40 -8.47
N VAL A 18 1.62 -3.35 -8.17
CA VAL A 18 1.83 -4.53 -9.06
C VAL A 18 0.80 -5.63 -8.74
N GLN A 19 0.17 -5.50 -7.55
CA GLN A 19 -0.69 -6.55 -6.97
C GLN A 19 -1.88 -5.95 -6.19
N CYS A 20 -1.95 -4.60 -6.07
CA CYS A 20 -3.03 -3.89 -5.35
C CYS A 20 -3.35 -2.59 -6.09
N ALA A 21 -4.50 -1.99 -5.75
CA ALA A 21 -4.99 -0.76 -6.38
C ALA A 21 -4.29 0.48 -5.78
N PRO A 22 -4.20 1.62 -6.54
CA PRO A 22 -3.76 2.94 -5.97
C PRO A 22 -4.69 3.42 -4.83
N SER A 23 -5.91 2.87 -4.80
CA SER A 23 -6.86 3.04 -3.68
C SER A 23 -6.24 2.55 -2.36
N ILE A 24 -5.49 1.44 -2.43
CA ILE A 24 -4.84 0.82 -1.27
C ILE A 24 -3.48 1.49 -1.00
N CYS A 25 -2.73 1.75 -2.08
CA CYS A 25 -1.37 2.29 -2.05
C CYS A 25 -1.32 3.71 -1.47
N ALA A 26 -2.41 4.48 -1.68
CA ALA A 26 -2.59 5.82 -1.10
C ALA A 26 -2.75 5.74 0.43
N GLY A 27 -3.23 4.58 0.93
CA GLY A 27 -3.40 4.34 2.35
C GLY A 27 -2.08 4.01 3.05
N TRP A 28 -1.30 3.11 2.43
CA TRP A 28 0.01 2.68 2.97
C TRP A 28 1.08 3.75 2.73
N CYS A 29 1.42 3.95 1.44
CA CYS A 29 2.53 4.82 1.01
C CYS A 29 2.23 6.30 1.25
N GLY A 30 0.94 6.68 1.15
CA GLY A 30 0.52 8.06 1.29
C GLY A 30 0.20 8.43 2.74
N GLY A 31 -0.53 9.54 2.89
CA GLY A 31 -0.91 10.06 4.21
C GLY A 31 -1.19 11.56 4.15
N SER A 32 -2.13 12.03 4.99
CA SER A 32 -2.54 13.45 5.04
C SER A 32 -2.92 13.81 6.50
N SER A 1 -8.04 -7.20 -0.91
CA SER A 1 -7.41 -6.14 -0.08
C SER A 1 -6.07 -6.63 0.47
N CYS A 2 -5.17 -5.68 0.78
CA CYS A 2 -3.87 -5.97 1.38
C CYS A 2 -4.02 -6.52 2.82
N GLY A 3 -2.96 -7.19 3.29
CA GLY A 3 -2.97 -7.93 4.55
C GLY A 3 -2.17 -7.28 5.66
N SER A 4 -1.91 -5.96 5.51
CA SER A 4 -1.03 -5.18 6.40
C SER A 4 0.44 -5.61 6.25
N GLU A 5 0.71 -6.37 5.18
CA GLU A 5 2.03 -6.94 4.86
C GLU A 5 2.77 -5.98 3.91
N CYS A 6 1.99 -5.12 3.23
CA CYS A 6 2.50 -4.03 2.40
C CYS A 6 2.43 -2.68 3.15
N ALA A 7 2.88 -2.73 4.41
CA ALA A 7 3.14 -1.54 5.24
C ALA A 7 4.63 -1.39 5.76
N PRO A 8 5.68 -2.24 5.38
CA PRO A 8 7.05 -2.11 5.96
C PRO A 8 7.74 -0.80 5.58
N GLU A 9 7.72 -0.56 4.27
CA GLU A 9 8.50 0.48 3.64
C GLU A 9 7.82 1.85 3.73
N PRO A 10 8.61 2.98 3.63
CA PRO A 10 8.03 4.32 3.42
C PRO A 10 7.27 4.37 2.08
N ASP A 11 7.85 3.71 1.05
CA ASP A 11 7.19 3.47 -0.23
C ASP A 11 6.49 2.10 -0.16
N CYS A 12 5.37 2.06 0.55
CA CYS A 12 4.51 0.88 0.62
C CYS A 12 3.75 0.69 -0.69
N TRP A 13 3.62 1.80 -1.46
CA TRP A 13 2.99 1.86 -2.78
C TRP A 13 3.50 0.74 -3.70
N GLY A 14 4.81 0.47 -3.58
CA GLY A 14 5.48 -0.52 -4.43
C GLY A 14 4.97 -1.93 -4.18
N CYS A 15 4.67 -2.21 -2.90
CA CYS A 15 4.20 -3.52 -2.44
C CYS A 15 2.72 -3.69 -2.71
N CYS A 16 2.01 -2.63 -2.39
CA CYS A 16 0.55 -2.60 -2.28
C CYS A 16 -0.12 -2.42 -3.65
N LEU A 17 0.27 -1.36 -4.39
CA LEU A 17 -0.38 -0.98 -5.68
C LEU A 17 -0.41 -2.09 -6.76
N VAL A 18 0.44 -3.13 -6.64
CA VAL A 18 0.50 -4.23 -7.63
C VAL A 18 -0.71 -5.20 -7.47
N GLN A 19 -1.27 -5.26 -6.25
CA GLN A 19 -2.37 -6.18 -5.88
C GLN A 19 -3.49 -5.48 -5.08
N CYS A 20 -3.32 -4.18 -4.81
CA CYS A 20 -4.31 -3.34 -4.10
C CYS A 20 -4.44 -1.97 -4.80
N ALA A 21 -5.38 -1.16 -4.29
CA ALA A 21 -5.70 0.19 -4.81
C ALA A 21 -4.98 1.27 -3.96
N PRO A 22 -4.79 2.54 -4.49
CA PRO A 22 -4.25 3.67 -3.69
C PRO A 22 -5.08 4.01 -2.44
N SER A 23 -6.34 3.54 -2.39
CA SER A 23 -7.18 3.61 -1.19
C SER A 23 -6.54 2.82 -0.02
N ILE A 24 -5.96 1.65 -0.35
CA ILE A 24 -5.28 0.80 0.63
C ILE A 24 -3.90 1.39 0.98
N CYS A 25 -3.09 1.61 -0.07
CA CYS A 25 -1.67 1.98 0.05
C CYS A 25 -1.47 3.31 0.78
N ALA A 26 -2.47 4.21 0.68
CA ALA A 26 -2.46 5.51 1.37
C ALA A 26 -2.42 5.34 2.91
N GLY A 27 -3.10 4.30 3.40
CA GLY A 27 -3.25 4.06 4.84
C GLY A 27 -2.01 3.41 5.45
N TRP A 28 -1.20 2.76 4.61
CA TRP A 28 0.01 2.03 5.04
C TRP A 28 1.28 2.89 4.87
N CYS A 29 1.30 3.71 3.82
CA CYS A 29 2.42 4.64 3.53
C CYS A 29 2.36 5.87 4.45
N GLY A 30 1.36 6.72 4.20
CA GLY A 30 1.25 7.99 4.88
C GLY A 30 -0.11 8.62 4.67
N GLY A 31 -0.37 8.94 3.40
CA GLY A 31 -1.65 9.52 2.96
C GLY A 31 -1.74 9.58 1.45
N SER A 32 -2.90 9.99 0.94
CA SER A 32 -3.15 10.14 -0.50
C SER A 32 -2.96 11.62 -0.93
N SER A 1 -9.78 -6.05 0.08
CA SER A 1 -8.83 -4.97 0.43
C SER A 1 -7.38 -5.51 0.39
N CYS A 2 -6.41 -4.67 0.76
CA CYS A 2 -4.98 -5.06 0.83
C CYS A 2 -4.74 -5.99 2.03
N GLY A 3 -3.54 -6.56 2.08
CA GLY A 3 -3.11 -7.41 3.19
C GLY A 3 -2.41 -6.63 4.29
N SER A 4 -2.27 -5.29 4.08
CA SER A 4 -1.30 -4.43 4.80
C SER A 4 0.13 -4.89 4.45
N GLU A 5 0.23 -5.63 3.33
CA GLU A 5 1.41 -6.43 2.97
C GLU A 5 2.50 -5.49 2.50
N CYS A 6 2.10 -4.63 1.57
CA CYS A 6 2.95 -3.59 1.00
C CYS A 6 2.55 -2.21 1.55
N ALA A 7 2.46 -2.15 2.88
CA ALA A 7 2.38 -0.91 3.65
C ALA A 7 3.77 -0.30 4.10
N PRO A 8 4.91 -1.10 4.29
CA PRO A 8 6.10 -0.64 5.08
C PRO A 8 6.84 0.57 4.47
N GLU A 9 7.16 0.45 3.17
CA GLU A 9 8.08 1.34 2.48
C GLU A 9 7.45 2.73 2.23
N PRO A 10 8.28 3.79 2.00
CA PRO A 10 7.82 5.07 1.41
C PRO A 10 7.31 4.85 -0.04
N ASP A 11 7.96 3.90 -0.72
CA ASP A 11 7.61 3.45 -2.08
C ASP A 11 6.71 2.20 -2.01
N CYS A 12 5.88 2.14 -0.96
CA CYS A 12 4.82 1.13 -0.75
C CYS A 12 3.92 0.98 -1.99
N TRP A 13 3.72 2.11 -2.73
CA TRP A 13 2.96 2.17 -3.98
C TRP A 13 3.43 1.11 -5.00
N GLY A 14 4.76 0.94 -5.06
CA GLY A 14 5.43 0.06 -6.04
C GLY A 14 5.56 -1.36 -5.49
N CYS A 15 4.44 -1.84 -4.96
CA CYS A 15 4.35 -3.06 -4.18
C CYS A 15 2.86 -3.38 -3.96
N CYS A 16 2.12 -2.32 -3.59
CA CYS A 16 0.73 -2.39 -3.13
C CYS A 16 -0.23 -2.50 -4.31
N LEU A 17 -0.05 -1.67 -5.34
CA LEU A 17 -1.02 -1.59 -6.47
C LEU A 17 -0.91 -2.76 -7.48
N VAL A 18 -0.24 -3.86 -7.11
CA VAL A 18 -0.31 -5.14 -7.88
C VAL A 18 -1.36 -6.09 -7.25
N GLN A 19 -1.81 -5.73 -6.03
CA GLN A 19 -2.64 -6.60 -5.19
C GLN A 19 -3.65 -5.79 -4.35
N CYS A 20 -3.60 -4.43 -4.44
CA CYS A 20 -4.48 -3.53 -3.67
C CYS A 20 -4.81 -2.29 -4.54
N ALA A 21 -5.92 -1.60 -4.22
CA ALA A 21 -6.35 -0.40 -4.96
C ALA A 21 -5.53 0.84 -4.51
N PRO A 22 -5.33 1.87 -5.40
CA PRO A 22 -4.71 3.18 -5.04
C PRO A 22 -5.38 3.86 -3.84
N SER A 23 -6.70 3.63 -3.67
CA SER A 23 -7.45 4.15 -2.52
C SER A 23 -6.93 3.54 -1.20
N ILE A 24 -6.53 2.25 -1.26
CA ILE A 24 -6.05 1.50 -0.09
C ILE A 24 -4.59 1.89 0.19
N CYS A 25 -3.78 1.88 -0.88
CA CYS A 25 -2.34 2.17 -0.84
C CYS A 25 -2.07 3.61 -0.36
N ALA A 26 -2.97 4.54 -0.75
CA ALA A 26 -2.94 5.93 -0.25
C ALA A 26 -3.14 5.99 1.27
N GLY A 27 -3.90 5.02 1.81
CA GLY A 27 -4.18 4.95 3.25
C GLY A 27 -2.97 4.49 4.05
N TRP A 28 -2.22 3.53 3.48
CA TRP A 28 -1.01 2.97 4.12
C TRP A 28 0.18 3.95 3.99
N CYS A 29 0.40 4.45 2.76
CA CYS A 29 1.53 5.33 2.43
C CYS A 29 1.37 6.71 3.06
N GLY A 30 0.30 7.44 2.66
CA GLY A 30 0.14 8.86 3.03
C GLY A 30 -1.01 9.13 4.00
N GLY A 31 -1.85 8.12 4.25
CA GLY A 31 -3.05 8.28 5.08
C GLY A 31 -2.74 8.38 6.57
N SER A 32 -1.78 7.57 7.02
CA SER A 32 -1.31 7.55 8.41
C SER A 32 0.18 7.18 8.45
N SER A 1 -10.25 -4.13 2.96
CA SER A 1 -8.98 -3.58 2.42
C SER A 1 -7.94 -4.71 2.28
N CYS A 2 -6.75 -4.37 1.74
CA CYS A 2 -5.65 -5.33 1.56
C CYS A 2 -4.97 -5.66 2.92
N GLY A 3 -3.90 -6.46 2.84
CA GLY A 3 -3.32 -7.12 4.02
C GLY A 3 -2.46 -6.23 4.89
N SER A 4 -2.18 -4.99 4.42
CA SER A 4 -1.32 -3.99 5.09
C SER A 4 0.16 -4.42 5.04
N GLU A 5 0.44 -5.53 4.31
CA GLU A 5 1.78 -6.12 4.19
C GLU A 5 2.64 -5.25 3.26
N CYS A 6 1.98 -4.66 2.26
CA CYS A 6 2.59 -3.72 1.32
C CYS A 6 2.46 -2.27 1.83
N ALA A 7 2.70 -2.09 3.14
CA ALA A 7 2.80 -0.77 3.79
C ALA A 7 4.10 -0.52 4.64
N PRO A 8 5.31 -1.19 4.38
CA PRO A 8 6.56 -0.82 5.09
C PRO A 8 7.06 0.56 4.68
N GLU A 9 7.20 0.69 3.36
CA GLU A 9 7.93 1.76 2.71
C GLU A 9 7.06 3.02 2.54
N PRO A 10 7.69 4.20 2.24
CA PRO A 10 6.98 5.36 1.64
C PRO A 10 6.53 5.04 0.21
N ASP A 11 7.29 4.10 -0.41
CA ASP A 11 7.09 3.63 -1.78
C ASP A 11 6.19 2.39 -1.78
N CYS A 12 5.08 2.45 -1.01
CA CYS A 12 4.14 1.31 -0.85
C CYS A 12 3.44 0.97 -2.17
N TRP A 13 3.37 1.99 -3.08
CA TRP A 13 2.87 1.85 -4.45
C TRP A 13 3.54 0.66 -5.17
N GLY A 14 4.83 0.46 -4.84
CA GLY A 14 5.68 -0.56 -5.47
C GLY A 14 5.60 -1.90 -4.73
N CYS A 15 4.38 -2.27 -4.34
CA CYS A 15 4.04 -3.52 -3.68
C CYS A 15 2.54 -3.73 -3.79
N CYS A 16 1.82 -2.68 -3.41
CA CYS A 16 0.36 -2.67 -3.28
C CYS A 16 -0.32 -2.59 -4.65
N LEU A 17 0.18 -1.71 -5.54
CA LEU A 17 -0.47 -1.46 -6.87
C LEU A 17 -0.54 -2.70 -7.80
N VAL A 18 0.27 -3.75 -7.55
CA VAL A 18 0.29 -4.95 -8.42
C VAL A 18 -0.90 -5.87 -8.09
N GLN A 19 -1.45 -5.71 -6.88
CA GLN A 19 -2.45 -6.63 -6.30
C GLN A 19 -3.55 -5.86 -5.53
N CYS A 20 -3.55 -4.52 -5.65
CA CYS A 20 -4.57 -3.63 -5.06
C CYS A 20 -4.72 -2.37 -5.92
N ALA A 21 -5.70 -1.54 -5.57
CA ALA A 21 -5.98 -0.26 -6.24
C ALA A 21 -5.25 0.89 -5.50
N PRO A 22 -4.99 2.07 -6.18
CA PRO A 22 -4.45 3.29 -5.51
C PRO A 22 -5.35 3.78 -4.35
N SER A 23 -6.64 3.41 -4.38
CA SER A 23 -7.59 3.70 -3.29
C SER A 23 -7.21 2.98 -1.98
N ILE A 24 -6.42 1.90 -2.09
CA ILE A 24 -5.86 1.19 -0.93
C ILE A 24 -4.46 1.78 -0.59
N CYS A 25 -3.61 1.82 -1.64
CA CYS A 25 -2.17 2.13 -1.51
C CYS A 25 -1.89 3.57 -1.03
N ALA A 26 -2.81 4.50 -1.32
CA ALA A 26 -2.69 5.92 -0.93
C ALA A 26 -2.62 6.08 0.60
N GLY A 27 -3.33 5.19 1.31
CA GLY A 27 -3.44 5.27 2.77
C GLY A 27 -2.36 4.47 3.47
N TRP A 28 -1.48 3.81 2.69
CA TRP A 28 -0.33 3.06 3.20
C TRP A 28 0.97 3.82 2.93
N CYS A 29 1.02 4.54 1.80
CA CYS A 29 2.16 5.39 1.42
C CYS A 29 2.16 6.70 2.21
N GLY A 30 1.27 7.63 1.80
CA GLY A 30 1.31 9.00 2.30
C GLY A 30 -0.07 9.63 2.36
N GLY A 31 -0.98 8.94 3.05
CA GLY A 31 -2.32 9.48 3.32
C GLY A 31 -2.26 10.56 4.39
N SER A 32 -1.61 10.20 5.52
CA SER A 32 -1.37 11.09 6.66
C SER A 32 -0.40 10.38 7.65
N SER A 1 -8.92 -4.94 1.77
CA SER A 1 -8.29 -5.71 0.67
C SER A 1 -6.77 -5.72 0.81
N CYS A 2 -6.13 -6.79 0.28
CA CYS A 2 -4.67 -7.05 0.39
C CYS A 2 -4.30 -7.45 1.84
N GLY A 3 -3.10 -7.99 2.02
CA GLY A 3 -2.72 -8.63 3.29
C GLY A 3 -1.96 -7.75 4.26
N SER A 4 -1.81 -6.44 3.91
CA SER A 4 -0.92 -5.48 4.60
C SER A 4 0.53 -5.99 4.65
N GLU A 5 0.84 -6.94 3.75
CA GLU A 5 2.14 -7.60 3.64
C GLU A 5 3.08 -6.65 2.90
N CYS A 6 2.51 -5.93 1.91
CA CYS A 6 3.17 -4.85 1.18
C CYS A 6 2.87 -3.48 1.83
N ALA A 7 2.98 -3.45 3.17
CA ALA A 7 3.01 -2.20 3.96
C ALA A 7 4.35 -1.94 4.77
N PRO A 8 5.51 -2.74 4.64
CA PRO A 8 6.71 -2.54 5.52
C PRO A 8 7.34 -1.16 5.33
N GLU A 9 7.54 -0.85 4.05
CA GLU A 9 8.33 0.27 3.60
C GLU A 9 7.61 1.61 3.84
N PRO A 10 8.38 2.74 3.94
CA PRO A 10 7.82 4.09 3.79
C PRO A 10 7.19 4.26 2.38
N ASP A 11 7.86 3.67 1.36
CA ASP A 11 7.33 3.54 0.00
C ASP A 11 6.76 2.11 -0.18
N CYS A 12 5.57 1.89 0.39
CA CYS A 12 4.82 0.63 0.25
C CYS A 12 4.28 0.47 -1.18
N TRP A 13 4.21 1.61 -1.92
CA TRP A 13 3.83 1.68 -3.32
C TRP A 13 4.60 0.66 -4.17
N GLY A 14 5.88 0.48 -3.81
CA GLY A 14 6.81 -0.39 -4.54
C GLY A 14 6.75 -1.86 -4.11
N CYS A 15 5.53 -2.33 -3.84
CA CYS A 15 5.23 -3.70 -3.41
C CYS A 15 3.75 -3.98 -3.70
N CYS A 16 2.94 -3.02 -3.25
CA CYS A 16 1.48 -3.07 -3.22
C CYS A 16 0.87 -2.84 -4.60
N LEU A 17 1.41 -1.87 -5.34
CA LEU A 17 0.83 -1.42 -6.65
C LEU A 17 0.83 -2.50 -7.76
N VAL A 18 1.53 -3.63 -7.58
CA VAL A 18 1.55 -4.71 -8.59
C VAL A 18 0.28 -5.58 -8.47
N GLN A 19 -0.29 -5.62 -7.25
CA GLN A 19 -1.35 -6.57 -6.86
C GLN A 19 -2.51 -5.84 -6.14
N CYS A 20 -2.41 -4.52 -6.00
CA CYS A 20 -3.42 -3.68 -5.33
C CYS A 20 -3.50 -2.31 -6.02
N ALA A 21 -4.58 -1.58 -5.74
CA ALA A 21 -4.82 -0.23 -6.29
C ALA A 21 -4.08 0.84 -5.46
N PRO A 22 -3.76 2.04 -6.05
CA PRO A 22 -3.25 3.23 -5.29
C PRO A 22 -4.13 3.62 -4.09
N SER A 23 -5.42 3.25 -4.12
CA SER A 23 -6.34 3.44 -2.98
C SER A 23 -5.89 2.58 -1.78
N ILE A 24 -5.51 1.31 -2.04
CA ILE A 24 -5.05 0.37 -1.00
C ILE A 24 -3.70 0.84 -0.45
N CYS A 25 -2.77 1.09 -1.38
CA CYS A 25 -1.38 1.44 -1.06
C CYS A 25 -1.28 2.81 -0.38
N ALA A 26 -2.25 3.72 -0.64
CA ALA A 26 -2.36 5.01 0.07
C ALA A 26 -2.69 4.82 1.56
N GLY A 27 -3.33 3.69 1.90
CA GLY A 27 -3.71 3.39 3.29
C GLY A 27 -2.58 2.73 4.07
N TRP A 28 -1.62 2.15 3.32
CA TRP A 28 -0.46 1.46 3.89
C TRP A 28 0.79 2.34 3.88
N CYS A 29 0.83 3.31 2.96
CA CYS A 29 1.90 4.32 2.88
C CYS A 29 1.52 5.59 3.64
N GLY A 30 0.56 6.33 3.05
CA GLY A 30 0.20 7.65 3.47
C GLY A 30 -0.61 8.40 2.41
N GLY A 31 -1.28 9.47 2.83
CA GLY A 31 -2.09 10.30 1.92
C GLY A 31 -2.16 11.75 2.42
N SER A 32 -0.99 12.29 2.77
CA SER A 32 -0.84 13.64 3.31
C SER A 32 0.62 14.14 3.04
N SER A 1 -9.79 -4.90 0.64
CA SER A 1 -9.08 -6.19 0.57
C SER A 1 -7.59 -5.96 0.24
N CYS A 2 -6.72 -6.69 0.96
CA CYS A 2 -5.25 -6.64 0.77
C CYS A 2 -4.63 -7.84 1.50
N GLY A 3 -3.30 -7.95 1.41
CA GLY A 3 -2.56 -8.97 2.16
C GLY A 3 -1.95 -8.44 3.45
N SER A 4 -1.95 -7.09 3.64
CA SER A 4 -1.24 -6.36 4.75
C SER A 4 0.25 -6.77 4.85
N GLU A 5 0.76 -7.28 3.72
CA GLU A 5 2.10 -7.85 3.58
C GLU A 5 3.03 -6.75 3.05
N CYS A 6 2.52 -6.02 2.05
CA CYS A 6 3.17 -4.88 1.43
C CYS A 6 2.72 -3.54 2.07
N ALA A 7 2.74 -3.54 3.41
CA ALA A 7 2.62 -2.31 4.23
C ALA A 7 3.95 -1.86 4.97
N PRO A 8 5.21 -2.46 4.78
CA PRO A 8 6.40 -2.09 5.61
C PRO A 8 6.90 -0.67 5.33
N GLU A 9 7.22 -0.44 4.05
CA GLU A 9 7.98 0.72 3.60
C GLU A 9 7.15 2.02 3.63
N PRO A 10 7.80 3.21 3.55
CA PRO A 10 7.10 4.48 3.24
C PRO A 10 6.60 4.50 1.78
N ASP A 11 7.33 3.77 0.90
CA ASP A 11 7.04 3.65 -0.53
C ASP A 11 6.48 2.24 -0.83
N CYS A 12 5.76 1.66 0.16
CA CYS A 12 5.09 0.33 0.05
C CYS A 12 4.04 0.25 -1.07
N TRP A 13 3.71 1.41 -1.67
CA TRP A 13 2.92 1.54 -2.89
C TRP A 13 3.43 0.59 -4.00
N GLY A 14 4.76 0.47 -4.08
CA GLY A 14 5.44 -0.35 -5.11
C GLY A 14 5.59 -1.80 -4.66
N CYS A 15 4.47 -2.35 -4.18
CA CYS A 15 4.38 -3.69 -3.59
C CYS A 15 2.89 -4.04 -3.42
N CYS A 16 2.17 -3.07 -2.87
CA CYS A 16 0.76 -3.19 -2.47
C CYS A 16 -0.18 -3.21 -3.67
N LEU A 17 0.01 -2.27 -4.61
CA LEU A 17 -0.95 -2.06 -5.74
C LEU A 17 -0.97 -3.18 -6.82
N VAL A 18 -0.19 -4.24 -6.66
CA VAL A 18 -0.30 -5.43 -7.54
C VAL A 18 -1.43 -6.37 -7.04
N GLN A 19 -1.68 -6.34 -5.71
CA GLN A 19 -2.63 -7.26 -5.02
C GLN A 19 -3.57 -6.51 -4.06
N CYS A 20 -3.50 -5.17 -4.06
CA CYS A 20 -4.44 -4.30 -3.33
C CYS A 20 -4.72 -3.04 -4.19
N ALA A 21 -5.80 -2.32 -3.89
CA ALA A 21 -6.15 -1.07 -4.60
C ALA A 21 -5.46 0.14 -3.92
N PRO A 22 -5.26 1.30 -4.64
CA PRO A 22 -4.71 2.55 -4.03
C PRO A 22 -5.58 3.08 -2.87
N SER A 23 -6.87 2.70 -2.86
CA SER A 23 -7.78 2.99 -1.74
C SER A 23 -7.29 2.30 -0.45
N ILE A 24 -6.77 1.08 -0.61
CA ILE A 24 -6.29 0.25 0.50
C ILE A 24 -4.86 0.67 0.90
N CYS A 25 -4.02 0.83 -0.14
CA CYS A 25 -2.60 1.21 0.00
C CYS A 25 -2.44 2.62 0.59
N ALA A 26 -3.49 3.46 0.41
CA ALA A 26 -3.57 4.79 1.07
C ALA A 26 -3.67 4.66 2.60
N GLY A 27 -4.30 3.56 3.07
CA GLY A 27 -4.42 3.28 4.50
C GLY A 27 -3.10 2.80 5.10
N TRP A 28 -2.45 1.85 4.40
CA TRP A 28 -1.20 1.21 4.87
C TRP A 28 -0.01 2.18 4.77
N CYS A 29 0.26 2.66 3.55
CA CYS A 29 1.43 3.49 3.24
C CYS A 29 1.30 4.93 3.77
N GLY A 30 0.28 5.67 3.26
CA GLY A 30 0.16 7.11 3.53
C GLY A 30 -1.12 7.48 4.27
N GLY A 31 -1.96 8.30 3.62
CA GLY A 31 -3.23 8.76 4.18
C GLY A 31 -3.51 10.20 3.78
N SER A 32 -4.29 10.37 2.70
CA SER A 32 -4.56 11.68 2.09
C SER A 32 -6.07 11.77 1.74
N SER A 1 -10.33 -6.25 3.67
CA SER A 1 -9.11 -5.47 3.35
C SER A 1 -8.02 -6.41 2.81
N CYS A 2 -6.81 -5.88 2.60
CA CYS A 2 -5.65 -6.67 2.14
C CYS A 2 -4.83 -7.17 3.34
N GLY A 3 -3.74 -7.91 3.05
CA GLY A 3 -3.03 -8.74 4.05
C GLY A 3 -2.14 -8.00 5.04
N SER A 4 -2.13 -6.66 4.98
CA SER A 4 -1.31 -5.79 5.82
C SER A 4 0.19 -5.92 5.48
N GLU A 5 0.51 -6.76 4.47
CA GLU A 5 1.89 -7.13 4.12
C GLU A 5 2.52 -6.02 3.26
N CYS A 6 1.65 -5.18 2.68
CA CYS A 6 2.04 -3.97 1.95
C CYS A 6 1.77 -2.71 2.79
N ALA A 7 2.13 -2.81 4.08
CA ALA A 7 2.21 -1.68 5.03
C ALA A 7 3.66 -1.28 5.50
N PRO A 8 4.82 -2.00 5.16
CA PRO A 8 6.16 -1.69 5.76
C PRO A 8 6.69 -0.29 5.39
N GLU A 9 6.82 -0.06 4.09
CA GLU A 9 7.49 1.11 3.52
C GLU A 9 6.59 2.36 3.59
N PRO A 10 7.19 3.59 3.44
CA PRO A 10 6.44 4.81 3.06
C PRO A 10 5.95 4.71 1.58
N ASP A 11 6.69 3.89 0.80
CA ASP A 11 6.44 3.61 -0.62
C ASP A 11 5.57 2.32 -0.77
N CYS A 12 4.82 2.00 0.31
CA CYS A 12 3.95 0.81 0.40
C CYS A 12 2.80 0.81 -0.64
N TRP A 13 2.51 1.98 -1.23
CA TRP A 13 1.56 2.14 -2.32
C TRP A 13 1.95 1.27 -3.53
N GLY A 14 3.27 1.11 -3.72
CA GLY A 14 3.80 0.31 -4.84
C GLY A 14 3.43 -1.16 -4.72
N CYS A 15 3.37 -1.61 -3.47
CA CYS A 15 3.08 -3.00 -3.10
C CYS A 15 1.58 -3.28 -3.20
N CYS A 16 0.82 -2.35 -2.63
CA CYS A 16 -0.61 -2.50 -2.35
C CYS A 16 -1.46 -2.23 -3.61
N LEU A 17 -1.14 -1.15 -4.34
CA LEU A 17 -1.94 -0.68 -5.51
C LEU A 17 -1.94 -1.67 -6.72
N VAL A 18 -1.15 -2.76 -6.66
CA VAL A 18 -1.13 -3.78 -7.76
C VAL A 18 -2.23 -4.85 -7.52
N GLN A 19 -2.69 -4.94 -6.27
CA GLN A 19 -3.57 -6.02 -5.80
C GLN A 19 -4.74 -5.45 -4.96
N CYS A 20 -4.74 -4.12 -4.74
CA CYS A 20 -5.73 -3.43 -3.89
C CYS A 20 -6.10 -2.07 -4.48
N ALA A 21 -7.13 -1.43 -3.89
CA ALA A 21 -7.55 -0.06 -4.22
C ALA A 21 -6.84 0.93 -3.27
N PRO A 22 -6.65 2.24 -3.67
CA PRO A 22 -6.10 3.29 -2.75
C PRO A 22 -6.94 3.50 -1.47
N SER A 23 -8.20 3.01 -1.45
CA SER A 23 -9.02 2.98 -0.22
C SER A 23 -8.39 2.05 0.84
N ILE A 24 -7.79 0.93 0.38
CA ILE A 24 -7.08 -0.01 1.26
C ILE A 24 -5.72 0.58 1.65
N CYS A 25 -4.96 0.99 0.60
CA CYS A 25 -3.57 1.39 0.71
C CYS A 25 -3.40 2.67 1.54
N ALA A 26 -4.45 3.53 1.60
CA ALA A 26 -4.44 4.74 2.44
C ALA A 26 -4.41 4.38 3.93
N GLY A 27 -5.03 3.23 4.27
CA GLY A 27 -5.16 2.81 5.66
C GLY A 27 -3.86 2.22 6.21
N TRP A 28 -3.10 1.57 5.31
CA TRP A 28 -1.80 0.93 5.65
C TRP A 28 -0.63 1.92 5.53
N CYS A 29 -0.72 2.80 4.51
CA CYS A 29 0.32 3.82 4.24
C CYS A 29 0.01 5.14 4.96
N GLY A 30 -0.90 5.94 4.36
CA GLY A 30 -1.09 7.33 4.78
C GLY A 30 -2.31 7.97 4.13
N GLY A 31 -2.14 8.49 2.90
CA GLY A 31 -3.21 9.15 2.16
C GLY A 31 -2.77 9.60 0.77
N SER A 32 -3.74 9.75 -0.15
CA SER A 32 -3.48 10.15 -1.55
C SER A 32 -4.75 10.84 -2.11
N SER A 1 -8.40 -4.53 -1.16
CA SER A 1 -7.51 -4.88 -0.02
C SER A 1 -6.32 -5.73 -0.51
N CYS A 2 -5.21 -5.70 0.26
CA CYS A 2 -3.95 -6.33 -0.14
C CYS A 2 -3.29 -7.03 1.07
N GLY A 3 -2.01 -7.40 0.92
CA GLY A 3 -1.30 -8.20 1.93
C GLY A 3 -0.75 -7.37 3.09
N SER A 4 -0.79 -6.03 2.94
CA SER A 4 -0.35 -5.04 3.95
C SER A 4 1.18 -4.91 4.01
N GLU A 5 1.89 -5.86 3.37
CA GLU A 5 3.35 -5.94 3.40
C GLU A 5 3.94 -5.22 2.17
N CYS A 6 3.12 -4.35 1.55
CA CYS A 6 3.55 -3.36 0.58
C CYS A 6 3.54 -1.95 1.20
N ALA A 7 3.76 -1.92 2.53
CA ALA A 7 4.07 -0.70 3.31
C ALA A 7 5.57 -0.50 3.75
N PRO A 8 6.56 -1.48 3.60
CA PRO A 8 7.91 -1.35 4.24
C PRO A 8 8.75 -0.21 3.65
N GLU A 9 8.90 -0.29 2.32
CA GLU A 9 9.86 0.50 1.56
C GLU A 9 9.43 1.99 1.45
N PRO A 10 10.39 2.90 1.15
CA PRO A 10 10.07 4.26 0.64
C PRO A 10 9.48 4.18 -0.79
N ASP A 11 9.86 3.10 -1.50
CA ASP A 11 9.42 2.78 -2.87
C ASP A 11 8.28 1.72 -2.82
N CYS A 12 7.52 1.72 -1.70
CA CYS A 12 6.44 0.74 -1.44
C CYS A 12 5.28 0.82 -2.45
N TRP A 13 5.19 1.94 -3.18
CA TRP A 13 4.27 2.11 -4.31
C TRP A 13 4.45 0.98 -5.32
N GLY A 14 5.71 0.58 -5.52
CA GLY A 14 6.08 -0.43 -6.51
C GLY A 14 5.53 -1.81 -6.15
N CYS A 15 5.49 -2.09 -4.84
CA CYS A 15 4.97 -3.36 -4.28
C CYS A 15 3.46 -3.45 -4.51
N CYS A 16 2.79 -2.39 -4.09
CA CYS A 16 1.33 -2.31 -4.03
C CYS A 16 0.71 -2.24 -5.43
N LEU A 17 1.16 -1.25 -6.23
CA LEU A 17 0.61 -0.95 -7.58
C LEU A 17 0.52 -2.16 -8.55
N VAL A 18 1.39 -3.19 -8.38
CA VAL A 18 1.45 -4.32 -9.33
C VAL A 18 0.24 -5.29 -9.15
N GLN A 19 -0.48 -5.13 -8.04
CA GLN A 19 -1.55 -6.05 -7.62
C GLN A 19 -2.67 -5.30 -6.88
N CYS A 20 -2.55 -3.96 -6.80
CA CYS A 20 -3.51 -3.09 -6.09
C CYS A 20 -3.58 -1.72 -6.79
N ALA A 21 -4.57 -0.90 -6.38
CA ALA A 21 -4.77 0.46 -6.93
C ALA A 21 -3.94 1.49 -6.13
N PRO A 22 -3.63 2.69 -6.75
CA PRO A 22 -3.12 3.88 -6.00
C PRO A 22 -3.95 4.24 -4.75
N SER A 23 -5.23 3.82 -4.70
CA SER A 23 -6.09 3.93 -3.52
C SER A 23 -5.48 3.20 -2.30
N ILE A 24 -4.99 1.97 -2.54
CA ILE A 24 -4.37 1.13 -1.50
C ILE A 24 -2.96 1.66 -1.15
N CYS A 25 -2.20 1.97 -2.21
CA CYS A 25 -0.80 2.41 -2.10
C CYS A 25 -0.69 3.76 -1.37
N ALA A 26 -1.71 4.63 -1.56
CA ALA A 26 -1.83 5.90 -0.83
C ALA A 26 -2.14 5.66 0.66
N GLY A 27 -2.73 4.50 0.97
CA GLY A 27 -3.09 4.15 2.35
C GLY A 27 -1.86 3.71 3.15
N TRP A 28 -1.00 2.91 2.51
CA TRP A 28 0.21 2.36 3.14
C TRP A 28 1.38 3.36 3.07
N CYS A 29 1.77 3.74 1.85
CA CYS A 29 2.91 4.65 1.61
C CYS A 29 2.59 6.07 2.09
N GLY A 30 1.43 6.58 1.64
CA GLY A 30 1.04 7.96 1.95
C GLY A 30 0.54 8.12 3.39
N GLY A 31 -0.32 7.18 3.82
CA GLY A 31 -0.95 7.20 5.15
C GLY A 31 -1.95 8.35 5.31
N SER A 32 -2.19 8.76 6.57
CA SER A 32 -3.07 9.88 6.90
C SER A 32 -2.78 10.33 8.35
N SER A 1 -7.05 -6.02 -1.08
CA SER A 1 -6.40 -4.97 -0.26
C SER A 1 -5.19 -5.55 0.48
N CYS A 2 -4.15 -4.71 0.66
CA CYS A 2 -2.96 -5.11 1.42
C CYS A 2 -3.27 -5.12 2.92
N GLY A 3 -2.39 -5.76 3.71
CA GLY A 3 -2.50 -5.74 5.17
C GLY A 3 -2.09 -4.40 5.75
N SER A 4 -0.80 -4.07 5.54
CA SER A 4 -0.06 -2.97 6.20
C SER A 4 1.45 -3.22 6.07
N GLU A 5 1.80 -4.45 5.65
CA GLU A 5 3.21 -4.90 5.51
C GLU A 5 3.88 -4.21 4.31
N CYS A 6 3.06 -3.69 3.37
CA CYS A 6 3.51 -2.86 2.26
C CYS A 6 3.48 -1.37 2.64
N ALA A 7 4.11 -1.07 3.78
CA ALA A 7 4.40 0.30 4.25
C ALA A 7 5.89 0.55 4.69
N PRO A 8 6.95 -0.33 4.41
CA PRO A 8 8.34 -0.05 4.85
C PRO A 8 8.92 1.14 4.12
N GLU A 9 8.81 1.06 2.80
CA GLU A 9 9.50 1.93 1.87
C GLU A 9 8.75 3.26 1.72
N PRO A 10 9.48 4.37 1.43
CA PRO A 10 8.83 5.66 1.09
C PRO A 10 7.97 5.54 -0.20
N ASP A 11 8.43 4.67 -1.11
CA ASP A 11 7.74 4.32 -2.36
C ASP A 11 7.11 2.91 -2.21
N CYS A 12 6.25 2.79 -1.18
CA CYS A 12 5.52 1.54 -0.83
C CYS A 12 4.62 1.03 -1.97
N TRP A 13 4.38 1.90 -2.97
CA TRP A 13 3.68 1.58 -4.22
C TRP A 13 4.23 0.27 -4.87
N GLY A 14 5.54 0.07 -4.74
CA GLY A 14 6.21 -1.09 -5.35
C GLY A 14 5.80 -2.42 -4.73
N CYS A 15 5.49 -2.38 -3.43
CA CYS A 15 5.07 -3.56 -2.63
C CYS A 15 3.59 -3.82 -2.83
N CYS A 16 2.86 -2.72 -2.78
CA CYS A 16 1.40 -2.70 -2.71
C CYS A 16 0.77 -2.84 -4.10
N LEU A 17 1.06 -1.89 -5.02
CA LEU A 17 0.45 -1.84 -6.39
C LEU A 17 0.52 -3.14 -7.20
N VAL A 18 1.53 -3.99 -6.92
CA VAL A 18 1.74 -5.25 -7.68
C VAL A 18 0.59 -6.26 -7.43
N GLN A 19 -0.12 -6.10 -6.30
CA GLN A 19 -1.21 -7.01 -5.87
C GLN A 19 -2.41 -6.25 -5.24
N CYS A 20 -2.29 -4.92 -5.06
CA CYS A 20 -3.35 -4.05 -4.49
C CYS A 20 -3.62 -2.85 -5.43
N ALA A 21 -4.65 -2.07 -5.06
CA ALA A 21 -5.05 -0.84 -5.77
C ALA A 21 -4.29 0.39 -5.17
N PRO A 22 -4.15 1.54 -5.95
CA PRO A 22 -3.52 2.79 -5.45
C PRO A 22 -4.24 3.38 -4.22
N SER A 23 -5.50 2.96 -3.98
CA SER A 23 -6.25 3.31 -2.76
C SER A 23 -5.47 2.87 -1.50
N ILE A 24 -4.89 1.66 -1.55
CA ILE A 24 -4.17 1.07 -0.41
C ILE A 24 -2.79 1.73 -0.28
N CYS A 25 -2.08 1.79 -1.42
CA CYS A 25 -0.69 2.25 -1.49
C CYS A 25 -0.57 3.75 -1.10
N ALA A 26 -1.60 4.54 -1.47
CA ALA A 26 -1.67 5.97 -1.09
C ALA A 26 -1.88 6.15 0.42
N GLY A 27 -2.38 5.10 1.09
CA GLY A 27 -2.65 5.13 2.52
C GLY A 27 -1.40 4.92 3.34
N TRP A 28 -0.51 4.05 2.83
CA TRP A 28 0.71 3.64 3.52
C TRP A 28 1.91 4.55 3.17
N CYS A 29 2.03 4.91 1.87
CA CYS A 29 3.11 5.79 1.37
C CYS A 29 2.91 7.24 1.86
N GLY A 30 1.89 7.89 1.29
CA GLY A 30 1.68 9.31 1.46
C GLY A 30 0.37 9.74 0.82
N GLY A 31 -0.50 10.35 1.61
CA GLY A 31 -1.84 10.74 1.16
C GLY A 31 -2.87 10.52 2.25
N SER A 32 -2.64 9.44 3.03
CA SER A 32 -3.44 9.04 4.20
C SER A 32 -4.86 8.56 3.78
#